data_4BUM
#
_entry.id   4BUM
#
_cell.length_a   72.470
_cell.length_b   72.470
_cell.length_c   177.950
_cell.angle_alpha   90.00
_cell.angle_beta   90.00
_cell.angle_gamma   120.00
#
_symmetry.space_group_name_H-M   'P 32 2 1'
#
loop_
_entity.id
_entity.type
_entity.pdbx_description
1 polymer 'VOLTAGE-DEPENDENT ANION CHANNEL 2'
2 non-polymer 'LAURYL DIMETHYLAMINE-N-OXIDE'
3 water water
#
_entity_poly.entity_id   1
_entity_poly.type   'polypeptide(L)'
_entity_poly.pdbx_seq_one_letter_code
;MAVPPAYADLGKSAKDIFNKGYGFGMVKLDVKTKSASGVEFKTSGSSNTDTSKVVGSLETKYKRSEYGLTFTEKWNTDNT
LGTEINIEDQIAKGLKLTFDTTFSPNTGKKSGKVKTAYKREFVNLGCDVDFDFAGPTIHGAAVVGYEGWLAGYQMSFDTA
KSKMTQNNFAVGYKTGDFQLHTNVNDGSEFGGSIYQKVSDKLETAVNLAWTAGSNSTRFGIAAKYQLDKDASISAKVNNT
SLVGVGYTQSLRPGIKLTLSALVDGKSINSGGHKLGLGLELEAHHHHHH
;
_entity_poly.pdbx_strand_id   X
#
# COMPACT_ATOMS: atom_id res chain seq x y z
N MET A 1 2.91 22.37 10.16
CA MET A 1 2.58 20.96 10.28
C MET A 1 3.52 20.07 9.50
N ALA A 2 4.82 20.20 9.75
CA ALA A 2 5.80 19.33 9.12
C ALA A 2 5.78 17.97 9.81
N VAL A 3 4.62 17.33 9.83
CA VAL A 3 4.51 15.97 10.36
C VAL A 3 4.77 14.97 9.24
N PRO A 4 5.92 14.28 9.32
CA PRO A 4 6.41 13.35 8.29
C PRO A 4 5.44 12.20 8.03
N PRO A 5 5.56 11.55 6.86
CA PRO A 5 4.85 10.30 6.61
C PRO A 5 5.49 9.17 7.38
N ALA A 6 4.72 8.11 7.64
CA ALA A 6 5.25 6.91 8.28
C ALA A 6 6.20 6.20 7.32
N TYR A 7 7.13 5.40 7.86
CA TYR A 7 8.16 4.76 7.05
C TYR A 7 7.58 4.01 5.84
N ALA A 8 6.45 3.35 6.04
CA ALA A 8 5.83 2.55 4.99
C ALA A 8 5.33 3.41 3.83
N ASP A 9 5.17 4.70 4.08
CA ASP A 9 4.60 5.60 3.09
C ASP A 9 5.64 6.45 2.37
N LEU A 10 6.91 6.27 2.72
CA LEU A 10 7.98 6.95 2.02
C LEU A 10 8.00 6.52 0.56
N GLY A 11 7.92 7.48 -0.35
CA GLY A 11 7.92 7.22 -1.78
C GLY A 11 6.58 6.76 -2.30
N LYS A 12 5.53 7.12 -1.57
CA LYS A 12 4.16 6.70 -1.90
C LYS A 12 3.68 7.20 -3.26
N SER A 13 3.87 8.50 -3.50
CA SER A 13 3.38 9.11 -4.73
C SER A 13 3.98 8.47 -5.99
N ALA A 14 5.27 8.14 -5.93
CA ALA A 14 5.91 7.44 -7.04
C ALA A 14 5.39 6.01 -7.16
N LYS A 15 5.24 5.33 -6.03
CA LYS A 15 4.69 3.98 -6.03
C LYS A 15 3.28 3.95 -6.60
N ASP A 16 2.50 4.98 -6.27
CA ASP A 16 1.13 5.08 -6.79
C ASP A 16 1.11 5.30 -8.30
N ILE A 17 2.11 6.00 -8.82
CA ILE A 17 2.22 6.19 -10.26
C ILE A 17 2.47 4.84 -10.92
N PHE A 18 3.39 4.08 -10.35
CA PHE A 18 3.77 2.77 -10.87
C PHE A 18 2.69 1.70 -10.69
N ASN A 19 1.89 1.80 -9.62
CA ASN A 19 1.08 0.66 -9.20
C ASN A 19 -0.44 0.76 -9.34
N LYS A 20 -1.03 1.91 -9.04
CA LYS A 20 -2.47 2.03 -9.28
C LYS A 20 -2.74 2.60 -10.65
N GLY A 21 -3.87 2.20 -11.23
CA GLY A 21 -4.13 2.47 -12.63
C GLY A 21 -3.99 1.16 -13.38
N TYR A 22 -3.45 0.16 -12.68
CA TYR A 22 -3.23 -1.16 -13.26
C TYR A 22 -3.89 -2.24 -12.41
N GLY A 23 -4.12 -3.40 -13.02
CA GLY A 23 -4.69 -4.54 -12.31
C GLY A 23 -4.55 -5.84 -13.10
N PHE A 24 -3.34 -6.10 -13.60
CA PHE A 24 -3.06 -7.24 -14.46
C PHE A 24 -3.49 -8.58 -13.86
N GLY A 25 -4.08 -9.43 -14.70
CA GLY A 25 -4.40 -10.79 -14.31
C GLY A 25 -5.55 -10.91 -13.34
N MET A 26 -6.20 -9.80 -13.04
CA MET A 26 -7.31 -9.80 -12.08
C MET A 26 -8.55 -9.12 -12.61
N VAL A 27 -9.71 -9.53 -12.08
CA VAL A 27 -10.90 -8.71 -12.16
C VAL A 27 -11.30 -8.35 -10.74
N LYS A 28 -11.56 -7.07 -10.50
CA LYS A 28 -11.76 -6.58 -9.14
C LYS A 28 -13.02 -5.75 -9.00
N LEU A 29 -13.78 -6.02 -7.95
CA LEU A 29 -14.95 -5.21 -7.61
C LEU A 29 -14.85 -4.75 -6.17
N ASP A 30 -14.85 -3.43 -5.96
CA ASP A 30 -14.80 -2.85 -4.64
C ASP A 30 -16.02 -1.95 -4.44
N VAL A 31 -16.80 -2.22 -3.39
CA VAL A 31 -18.02 -1.44 -3.16
C VAL A 31 -18.04 -0.82 -1.77
N LYS A 32 -18.06 0.51 -1.71
CA LYS A 32 -18.16 1.21 -0.43
C LYS A 32 -19.55 1.81 -0.27
N THR A 33 -20.39 1.16 0.53
CA THR A 33 -21.71 1.69 0.83
C THR A 33 -21.78 2.27 2.25
N LYS A 34 -22.91 2.91 2.54
CA LYS A 34 -23.12 3.59 3.81
C LYS A 34 -24.58 3.44 4.23
N SER A 35 -24.80 2.96 5.46
CA SER A 35 -26.14 2.80 5.99
C SER A 35 -26.61 4.10 6.61
N ALA A 36 -27.90 4.16 6.94
CA ALA A 36 -28.47 5.35 7.58
C ALA A 36 -27.87 5.54 8.97
N SER A 37 -27.60 4.43 9.65
CA SER A 37 -27.06 4.45 11.00
C SER A 37 -25.66 5.06 11.09
N GLY A 38 -24.99 5.19 9.94
CA GLY A 38 -23.68 5.82 9.88
C GLY A 38 -22.52 4.85 9.76
N VAL A 39 -22.80 3.56 9.99
CA VAL A 39 -21.79 2.52 9.86
C VAL A 39 -21.58 2.18 8.39
N GLU A 40 -20.33 2.17 7.94
CA GLU A 40 -20.09 1.96 6.51
C GLU A 40 -19.55 0.58 6.14
N PHE A 41 -19.85 0.16 4.92
CA PHE A 41 -19.52 -1.19 4.46
C PHE A 41 -18.55 -1.14 3.27
N LYS A 42 -17.57 -2.02 3.29
CA LYS A 42 -16.73 -2.22 2.12
C LYS A 42 -16.75 -3.68 1.73
N THR A 43 -17.17 -3.96 0.50
CA THR A 43 -17.13 -5.33 0.00
C THR A 43 -16.22 -5.42 -1.22
N SER A 44 -15.10 -6.12 -1.05
CA SER A 44 -14.16 -6.34 -2.13
C SER A 44 -14.29 -7.76 -2.64
N GLY A 45 -13.90 -7.97 -3.89
CA GLY A 45 -13.88 -9.28 -4.48
C GLY A 45 -12.95 -9.28 -5.67
N SER A 46 -11.98 -10.19 -5.70
CA SER A 46 -11.07 -10.25 -6.84
C SER A 46 -10.88 -11.67 -7.39
N SER A 47 -10.58 -11.76 -8.68
CA SER A 47 -10.37 -13.06 -9.30
C SER A 47 -9.16 -13.05 -10.23
N ASN A 48 -8.26 -14.00 -10.02
CA ASN A 48 -7.13 -14.19 -10.91
C ASN A 48 -7.56 -14.86 -12.21
N THR A 49 -6.96 -14.44 -13.31
CA THR A 49 -7.33 -14.98 -14.63
C THR A 49 -6.81 -16.40 -14.81
N ASP A 50 -5.74 -16.73 -14.11
CA ASP A 50 -5.09 -18.03 -14.22
C ASP A 50 -5.63 -19.03 -13.19
N THR A 51 -5.24 -18.82 -11.94
CA THR A 51 -5.55 -19.73 -10.84
C THR A 51 -7.04 -19.93 -10.63
N SER A 52 -7.83 -19.00 -11.17
CA SER A 52 -9.28 -19.00 -10.97
C SER A 52 -9.65 -18.93 -9.49
N LYS A 53 -8.75 -18.36 -8.70
CA LYS A 53 -8.94 -18.24 -7.26
C LYS A 53 -9.73 -16.99 -6.91
N VAL A 54 -11.04 -17.15 -6.76
CA VAL A 54 -11.89 -16.03 -6.39
C VAL A 54 -11.81 -15.76 -4.88
N VAL A 55 -11.57 -14.51 -4.53
CA VAL A 55 -11.53 -14.08 -3.14
C VAL A 55 -12.63 -13.05 -2.89
N GLY A 56 -13.34 -13.23 -1.77
CA GLY A 56 -14.39 -12.29 -1.39
C GLY A 56 -14.17 -11.78 0.01
N SER A 57 -14.81 -10.65 0.33
CA SER A 57 -14.61 -10.01 1.62
C SER A 57 -15.68 -8.97 1.97
N LEU A 58 -15.98 -8.86 3.25
CA LEU A 58 -16.84 -7.82 3.76
C LEU A 58 -16.20 -7.19 4.99
N GLU A 59 -16.23 -5.86 5.05
CA GLU A 59 -15.75 -5.12 6.20
C GLU A 59 -16.81 -4.13 6.66
N THR A 60 -17.02 -4.10 7.97
CA THR A 60 -17.99 -3.23 8.60
C THR A 60 -17.24 -2.25 9.50
N LYS A 61 -17.46 -0.95 9.30
CA LYS A 61 -16.76 0.06 10.09
C LYS A 61 -17.70 0.99 10.86
N TYR A 62 -17.51 1.03 12.17
CA TYR A 62 -18.28 1.88 13.09
C TYR A 62 -17.37 2.89 13.76
N LYS A 63 -17.76 4.16 13.77
CA LYS A 63 -16.92 5.19 14.37
C LYS A 63 -17.57 5.91 15.55
N ARG A 64 -16.74 6.55 16.37
CA ARG A 64 -17.16 7.42 17.46
C ARG A 64 -16.08 8.46 17.71
N SER A 65 -16.08 9.52 16.89
CA SER A 65 -15.02 10.53 16.92
C SER A 65 -14.80 11.13 18.30
N GLU A 66 -15.87 11.19 19.08
CA GLU A 66 -15.84 11.75 20.43
C GLU A 66 -14.89 11.01 21.36
N TYR A 67 -14.70 9.72 21.12
CA TYR A 67 -13.77 8.93 21.94
C TYR A 67 -12.54 8.51 21.13
N GLY A 68 -12.53 8.87 19.85
CA GLY A 68 -11.44 8.51 18.95
C GLY A 68 -11.46 7.01 18.68
N LEU A 69 -12.66 6.47 18.51
CA LEU A 69 -12.83 5.03 18.39
C LEU A 69 -13.23 4.59 16.98
N THR A 70 -12.50 3.63 16.44
CA THR A 70 -12.93 2.95 15.21
C THR A 70 -13.01 1.45 15.47
N PHE A 71 -14.15 0.86 15.15
CA PHE A 71 -14.36 -0.56 15.37
C PHE A 71 -14.71 -1.23 14.05
N THR A 72 -13.87 -2.17 13.65
CA THR A 72 -14.02 -2.81 12.34
C THR A 72 -14.18 -4.32 12.48
N GLU A 73 -15.18 -4.86 11.79
CA GLU A 73 -15.35 -6.30 11.71
C GLU A 73 -15.06 -6.76 10.29
N LYS A 74 -14.43 -7.94 10.17
CA LYS A 74 -13.98 -8.43 8.87
C LYS A 74 -14.42 -9.88 8.67
N TRP A 75 -14.90 -10.19 7.48
N TRP A 75 -14.94 -10.16 7.48
CA TRP A 75 -15.25 -11.57 7.15
CA TRP A 75 -15.32 -11.51 7.07
C TRP A 75 -14.91 -11.88 5.70
C TRP A 75 -14.69 -11.76 5.70
N ASN A 76 -14.17 -12.96 5.48
CA ASN A 76 -13.80 -13.33 4.11
C ASN A 76 -14.19 -14.75 3.71
N THR A 77 -13.85 -15.13 2.50
CA THR A 77 -14.28 -16.41 1.95
C THR A 77 -13.47 -17.59 2.47
N ASP A 78 -12.33 -17.30 3.08
CA ASP A 78 -11.54 -18.31 3.77
C ASP A 78 -12.15 -18.64 5.14
N ASN A 79 -13.29 -18.03 5.42
CA ASN A 79 -13.98 -18.13 6.70
C ASN A 79 -13.20 -17.48 7.85
N THR A 80 -12.14 -16.75 7.49
CA THR A 80 -11.34 -16.02 8.47
C THR A 80 -12.09 -14.77 8.96
N LEU A 81 -12.14 -14.61 10.28
CA LEU A 81 -12.81 -13.51 10.92
C LEU A 81 -11.78 -12.52 11.45
N GLY A 82 -12.04 -11.23 11.26
CA GLY A 82 -11.13 -10.21 11.75
C GLY A 82 -11.82 -9.17 12.61
N THR A 83 -11.06 -8.58 13.53
CA THR A 83 -11.60 -7.52 14.36
C THR A 83 -10.52 -6.50 14.69
N GLU A 84 -10.79 -5.24 14.38
CA GLU A 84 -9.80 -4.20 14.64
C GLU A 84 -10.38 -3.08 15.50
N ILE A 85 -9.62 -2.66 16.51
CA ILE A 85 -10.00 -1.57 17.38
C ILE A 85 -8.95 -0.45 17.35
N ASN A 86 -9.38 0.74 16.93
CA ASN A 86 -8.50 1.91 16.89
C ASN A 86 -8.91 2.94 17.92
N ILE A 87 -7.93 3.39 18.71
CA ILE A 87 -8.14 4.41 19.72
C ILE A 87 -7.10 5.48 19.49
N GLU A 88 -7.52 6.59 18.87
CA GLU A 88 -6.59 7.66 18.52
C GLU A 88 -6.78 8.89 19.40
N ASP A 89 -5.68 9.55 19.73
CA ASP A 89 -5.69 10.84 20.43
C ASP A 89 -6.43 10.82 21.77
N GLN A 90 -6.19 9.79 22.58
CA GLN A 90 -6.88 9.65 23.85
C GLN A 90 -5.93 9.41 25.01
N ILE A 91 -5.06 8.41 24.87
CA ILE A 91 -4.02 8.15 25.87
C ILE A 91 -3.07 9.35 25.87
N ALA A 92 -2.87 9.92 24.69
CA ALA A 92 -2.10 11.14 24.52
C ALA A 92 -2.34 11.68 23.11
N LYS A 93 -1.55 12.66 22.69
CA LYS A 93 -1.72 13.27 21.37
C LYS A 93 -0.36 13.58 20.74
N GLY A 94 -0.15 13.14 19.51
CA GLY A 94 -1.10 12.34 18.75
C GLY A 94 -0.68 10.89 18.73
N LEU A 95 -1.23 10.13 19.68
CA LEU A 95 -0.88 8.73 19.88
C LEU A 95 -2.05 7.85 19.49
N LYS A 96 -1.76 6.80 18.73
CA LYS A 96 -2.78 5.89 18.24
C LYS A 96 -2.49 4.47 18.69
N LEU A 97 -3.48 3.86 19.32
CA LEU A 97 -3.36 2.49 19.81
C LEU A 97 -4.30 1.61 18.99
N THR A 98 -3.80 0.47 18.55
CA THR A 98 -4.59 -0.43 17.71
C THR A 98 -4.49 -1.88 18.17
N PHE A 99 -5.64 -2.54 18.26
CA PHE A 99 -5.69 -3.96 18.55
C PHE A 99 -6.25 -4.69 17.35
N ASP A 100 -5.46 -5.56 16.73
CA ASP A 100 -5.94 -6.30 15.58
C ASP A 100 -6.00 -7.79 15.90
N THR A 101 -7.07 -8.46 15.48
CA THR A 101 -7.22 -9.90 15.69
C THR A 101 -7.76 -10.61 14.46
N THR A 102 -7.34 -11.87 14.31
CA THR A 102 -7.88 -12.75 13.29
C THR A 102 -8.09 -14.15 13.87
N PHE A 103 -9.14 -14.82 13.42
CA PHE A 103 -9.40 -16.20 13.82
C PHE A 103 -10.04 -17.04 12.72
N SER A 104 -9.61 -18.30 12.59
CA SER A 104 -10.16 -19.18 11.57
C SER A 104 -10.84 -20.41 12.17
N PRO A 105 -12.19 -20.40 12.21
CA PRO A 105 -13.00 -21.47 12.80
C PRO A 105 -12.88 -22.83 12.09
N ASN A 106 -12.03 -22.91 11.08
CA ASN A 106 -11.79 -24.18 10.39
C ASN A 106 -10.50 -24.82 10.86
N THR A 107 -9.40 -24.05 10.81
CA THR A 107 -8.09 -24.56 11.20
C THR A 107 -7.80 -24.26 12.67
N GLY A 108 -8.67 -23.49 13.31
CA GLY A 108 -8.51 -23.18 14.73
C GLY A 108 -7.48 -22.11 15.03
N LYS A 109 -6.60 -21.83 14.07
CA LYS A 109 -5.53 -20.85 14.26
C LYS A 109 -6.09 -19.47 14.63
N LYS A 110 -5.29 -18.72 15.39
CA LYS A 110 -5.72 -17.44 15.91
C LYS A 110 -4.52 -16.52 16.08
N SER A 111 -4.61 -15.31 15.55
CA SER A 111 -3.47 -14.39 15.53
C SER A 111 -3.87 -13.00 16.02
N GLY A 112 -2.89 -12.24 16.50
CA GLY A 112 -3.20 -10.88 16.93
C GLY A 112 -2.02 -9.93 17.02
N LYS A 113 -2.27 -8.63 16.98
CA LYS A 113 -1.19 -7.68 17.13
C LYS A 113 -1.59 -6.37 17.81
N VAL A 114 -0.63 -5.75 18.49
CA VAL A 114 -0.83 -4.43 19.07
C VAL A 114 0.03 -3.41 18.35
N LYS A 115 -0.63 -2.51 17.61
CA LYS A 115 0.08 -1.47 16.87
C LYS A 115 0.05 -0.16 17.64
N THR A 116 1.14 0.59 17.58
CA THR A 116 1.19 1.91 18.19
C THR A 116 1.83 2.93 17.26
N ALA A 117 1.21 4.10 17.16
CA ALA A 117 1.73 5.15 16.30
C ALA A 117 1.83 6.46 17.07
N TYR A 118 2.84 7.28 16.77
CA TYR A 118 2.96 8.57 17.42
C TYR A 118 3.35 9.66 16.42
N LYS A 119 2.38 10.46 16.03
CA LYS A 119 2.61 11.54 15.06
C LYS A 119 2.89 12.85 15.78
N ARG A 120 3.81 13.63 15.23
CA ARG A 120 4.11 14.95 15.76
C ARG A 120 4.88 15.75 14.73
N GLU A 121 5.19 17.00 15.04
CA GLU A 121 6.03 17.82 14.19
C GLU A 121 7.38 17.15 14.05
N PHE A 122 7.86 17.03 12.82
CA PHE A 122 9.20 16.53 12.51
C PHE A 122 9.41 15.04 12.85
N VAL A 123 8.45 14.41 13.52
CA VAL A 123 8.62 13.02 13.95
C VAL A 123 7.36 12.16 13.78
N ASN A 124 7.52 11.03 13.09
CA ASN A 124 6.47 10.04 12.96
C ASN A 124 6.98 8.67 13.40
N LEU A 125 6.46 8.16 14.50
CA LEU A 125 6.96 6.91 15.09
C LEU A 125 5.94 5.79 15.05
N GLY A 126 6.43 4.55 15.13
CA GLY A 126 5.58 3.37 15.12
C GLY A 126 6.24 2.17 15.79
N CYS A 127 5.43 1.40 16.52
CA CYS A 127 5.90 0.18 17.15
C CYS A 127 4.77 -0.84 17.23
N ASP A 128 4.94 -1.96 16.55
CA ASP A 128 3.94 -3.02 16.53
C ASP A 128 4.46 -4.27 17.23
N VAL A 129 3.55 -5.05 17.79
CA VAL A 129 3.91 -6.35 18.34
C VAL A 129 2.96 -7.42 17.79
N ASP A 130 3.53 -8.32 17.00
CA ASP A 130 2.80 -9.42 16.38
C ASP A 130 2.88 -10.68 17.24
N PHE A 131 1.72 -11.16 17.67
CA PHE A 131 1.58 -12.46 18.34
C PHE A 131 1.03 -13.52 17.37
N ASP A 132 1.88 -14.52 17.13
CA ASP A 132 1.61 -15.60 16.18
C ASP A 132 2.22 -16.90 16.71
N PHE A 133 2.32 -17.91 15.84
CA PHE A 133 2.88 -19.21 16.18
C PHE A 133 4.31 -19.10 16.70
N ALA A 134 5.10 -18.23 16.08
CA ALA A 134 6.45 -17.95 16.55
C ALA A 134 6.51 -16.51 17.04
N GLY A 135 5.80 -16.24 18.14
CA GLY A 135 5.73 -14.89 18.68
C GLY A 135 6.51 -14.70 19.96
N PRO A 136 6.66 -13.44 20.39
CA PRO A 136 6.20 -12.30 19.58
C PRO A 136 7.29 -11.73 18.66
N THR A 137 6.87 -10.90 17.71
CA THR A 137 7.80 -10.20 16.83
C THR A 137 7.57 -8.70 16.94
N ILE A 138 8.62 -7.97 17.31
CA ILE A 138 8.51 -6.53 17.50
C ILE A 138 8.96 -5.74 16.25
N HIS A 139 8.07 -4.87 15.78
CA HIS A 139 8.38 -3.99 14.65
C HIS A 139 8.52 -2.57 15.15
N GLY A 140 9.47 -1.83 14.58
CA GLY A 140 9.65 -0.44 14.93
C GLY A 140 10.07 0.39 13.74
N ALA A 141 9.39 1.50 13.51
CA ALA A 141 9.77 2.42 12.44
C ALA A 141 9.79 3.86 12.91
N ALA A 142 10.72 4.64 12.39
CA ALA A 142 10.87 6.03 12.79
C ALA A 142 11.19 6.91 11.58
N VAL A 143 10.48 8.03 11.45
CA VAL A 143 10.80 8.99 10.40
C VAL A 143 10.87 10.42 10.90
N VAL A 144 12.02 11.06 10.69
CA VAL A 144 12.18 12.47 11.00
C VAL A 144 12.25 13.32 9.73
N GLY A 145 11.65 14.51 9.78
CA GLY A 145 11.62 15.38 8.62
C GLY A 145 11.72 16.85 8.96
N TYR A 146 12.59 17.56 8.24
CA TYR A 146 12.74 18.99 8.42
C TYR A 146 13.14 19.67 7.12
N GLU A 147 12.27 20.56 6.65
CA GLU A 147 12.50 21.33 5.42
C GLU A 147 12.78 20.45 4.21
N GLY A 148 11.83 19.58 3.88
CA GLY A 148 11.93 18.77 2.68
C GLY A 148 12.73 17.49 2.87
N TRP A 149 13.75 17.53 3.72
CA TRP A 149 14.58 16.35 3.96
C TRP A 149 13.88 15.34 4.86
N LEU A 150 14.13 14.07 4.58
CA LEU A 150 13.48 12.96 5.26
C LEU A 150 14.53 11.92 5.66
N ALA A 151 14.38 11.34 6.83
CA ALA A 151 15.31 10.32 7.30
C ALA A 151 14.56 9.27 8.10
N GLY A 152 14.67 8.02 7.66
CA GLY A 152 13.89 6.95 8.27
C GLY A 152 14.67 5.69 8.58
N TYR A 153 14.25 5.01 9.65
CA TYR A 153 14.82 3.73 10.01
C TYR A 153 13.70 2.73 10.33
N GLN A 154 13.74 1.57 9.69
CA GLN A 154 12.77 0.52 9.93
C GLN A 154 13.47 -0.72 10.44
N MET A 155 12.80 -1.46 11.31
CA MET A 155 13.42 -2.52 12.07
C MET A 155 12.39 -3.57 12.46
N SER A 156 12.77 -4.83 12.38
CA SER A 156 11.94 -5.91 12.94
C SER A 156 12.77 -6.95 13.67
N PHE A 157 12.15 -7.62 14.64
CA PHE A 157 12.91 -8.47 15.53
C PHE A 157 12.08 -9.62 16.09
N ASP A 158 12.50 -10.84 15.80
CA ASP A 158 11.91 -12.03 16.40
C ASP A 158 12.48 -12.19 17.79
N THR A 159 11.64 -12.05 18.81
CA THR A 159 12.09 -12.19 20.19
C THR A 159 12.39 -13.65 20.53
N ALA A 160 11.68 -14.56 19.88
CA ALA A 160 11.85 -15.99 20.12
C ALA A 160 13.18 -16.50 19.56
N LYS A 161 13.42 -16.24 18.29
CA LYS A 161 14.65 -16.66 17.63
C LYS A 161 15.82 -15.75 18.01
N SER A 162 15.53 -14.73 18.80
CA SER A 162 16.50 -13.71 19.18
C SER A 162 17.17 -13.13 17.93
N LYS A 163 16.39 -13.03 16.85
CA LYS A 163 16.95 -12.74 15.54
C LYS A 163 16.31 -11.51 14.90
N MET A 164 17.17 -10.60 14.44
CA MET A 164 16.77 -9.42 13.72
C MET A 164 16.39 -9.83 12.30
N THR A 165 15.17 -9.50 11.88
CA THR A 165 14.67 -9.96 10.59
C THR A 165 14.42 -8.80 9.62
N GLN A 166 14.72 -7.59 10.05
CA GLN A 166 14.53 -6.41 9.21
C GLN A 166 15.37 -5.23 9.69
N ASN A 167 16.14 -4.68 8.76
CA ASN A 167 17.05 -3.58 9.07
C ASN A 167 17.15 -2.66 7.86
N ASN A 168 16.34 -1.60 7.84
CA ASN A 168 16.25 -0.74 6.65
C ASN A 168 16.49 0.72 6.95
N PHE A 169 17.16 1.41 6.02
CA PHE A 169 17.36 2.86 6.13
C PHE A 169 16.72 3.56 4.94
N ALA A 170 16.35 4.82 5.14
CA ALA A 170 15.75 5.60 4.08
C ALA A 170 16.17 7.05 4.18
N VAL A 171 16.51 7.64 3.04
CA VAL A 171 16.76 9.07 2.98
C VAL A 171 15.90 9.64 1.87
N GLY A 172 15.21 10.73 2.16
CA GLY A 172 14.33 11.33 1.18
C GLY A 172 14.52 12.82 1.08
N TYR A 173 13.99 13.41 0.02
CA TYR A 173 14.00 14.85 -0.15
C TYR A 173 12.88 15.28 -1.09
N LYS A 174 12.04 16.19 -0.62
CA LYS A 174 10.97 16.73 -1.44
C LYS A 174 11.13 18.23 -1.62
N THR A 175 10.97 18.70 -2.86
CA THR A 175 10.87 20.11 -3.13
C THR A 175 9.53 20.40 -3.80
N GLY A 176 8.46 19.98 -3.13
CA GLY A 176 7.11 20.21 -3.62
C GLY A 176 6.69 19.20 -4.67
N ASP A 177 6.83 19.60 -5.94
CA ASP A 177 6.40 18.76 -7.06
C ASP A 177 7.50 17.81 -7.53
N PHE A 178 8.43 17.50 -6.63
CA PHE A 178 9.55 16.64 -6.95
C PHE A 178 9.98 15.87 -5.71
N GLN A 179 9.86 14.55 -5.76
CA GLN A 179 10.27 13.72 -4.64
C GLN A 179 11.41 12.80 -5.04
N LEU A 180 12.40 12.69 -4.16
CA LEU A 180 13.51 11.77 -4.34
C LEU A 180 13.55 10.86 -3.13
N HIS A 181 13.62 9.55 -3.35
CA HIS A 181 13.66 8.62 -2.23
C HIS A 181 14.67 7.49 -2.42
N THR A 182 15.39 7.16 -1.36
CA THR A 182 16.38 6.09 -1.41
C THR A 182 16.33 5.22 -0.16
N ASN A 183 16.57 3.93 -0.35
CA ASN A 183 16.51 2.99 0.76
C ASN A 183 17.56 1.90 0.68
N VAL A 184 17.98 1.45 1.85
CA VAL A 184 18.92 0.35 1.99
C VAL A 184 18.31 -0.72 2.89
N ASN A 185 17.88 -1.82 2.27
CA ASN A 185 17.25 -2.91 3.02
C ASN A 185 18.21 -4.05 3.31
N ASP A 186 18.49 -4.28 4.59
CA ASP A 186 19.31 -5.40 5.05
C ASP A 186 20.74 -5.38 4.52
N GLY A 187 21.22 -4.19 4.16
CA GLY A 187 22.57 -4.03 3.63
C GLY A 187 22.80 -4.76 2.32
N SER A 188 21.71 -5.22 1.71
CA SER A 188 21.79 -6.02 0.49
C SER A 188 21.06 -5.35 -0.66
N GLU A 189 19.78 -5.04 -0.46
CA GLU A 189 18.95 -4.42 -1.48
C GLU A 189 18.97 -2.89 -1.41
N PHE A 190 19.34 -2.28 -2.53
CA PHE A 190 19.40 -0.83 -2.66
C PHE A 190 18.34 -0.33 -3.63
N GLY A 191 17.55 0.64 -3.19
CA GLY A 191 16.44 1.13 -4.01
C GLY A 191 16.32 2.63 -4.08
N GLY A 192 15.80 3.12 -5.20
CA GLY A 192 15.64 4.55 -5.40
C GLY A 192 14.46 4.88 -6.29
N SER A 193 13.82 6.01 -6.04
CA SER A 193 12.67 6.43 -6.83
C SER A 193 12.65 7.94 -6.99
N ILE A 194 12.13 8.39 -8.12
CA ILE A 194 11.94 9.82 -8.36
C ILE A 194 10.54 10.12 -8.88
N TYR A 195 9.80 10.94 -8.15
CA TYR A 195 8.50 11.43 -8.60
C TYR A 195 8.61 12.87 -9.08
N GLN A 196 7.89 13.19 -10.15
CA GLN A 196 7.90 14.53 -10.70
C GLN A 196 6.55 14.83 -11.33
N LYS A 197 5.88 15.88 -10.83
CA LYS A 197 4.67 16.36 -11.45
C LYS A 197 5.06 17.47 -12.43
N VAL A 198 5.23 17.10 -13.69
CA VAL A 198 5.72 18.05 -14.69
C VAL A 198 4.68 19.10 -15.08
N SER A 199 3.46 18.66 -15.38
CA SER A 199 2.39 19.61 -15.69
C SER A 199 1.16 19.33 -14.82
N ASP A 200 0.07 20.02 -15.11
CA ASP A 200 -1.21 19.74 -14.46
C ASP A 200 -1.65 18.33 -14.82
N LYS A 201 -1.39 17.94 -16.06
CA LYS A 201 -1.89 16.69 -16.60
C LYS A 201 -0.90 15.55 -16.55
N LEU A 202 0.39 15.87 -16.52
CA LEU A 202 1.42 14.83 -16.61
C LEU A 202 2.15 14.58 -15.28
N GLU A 203 2.08 13.34 -14.81
CA GLU A 203 2.86 12.88 -13.69
C GLU A 203 3.86 11.85 -14.19
N THR A 204 5.00 11.76 -13.53
CA THR A 204 6.12 10.97 -14.02
C THR A 204 6.91 10.35 -12.88
N ALA A 205 7.31 9.10 -13.02
CA ALA A 205 8.11 8.43 -11.99
C ALA A 205 9.21 7.55 -12.56
N VAL A 206 10.27 7.36 -11.78
CA VAL A 206 11.40 6.51 -12.17
C VAL A 206 11.87 5.60 -11.03
N ASN A 207 12.00 4.31 -11.32
CA ASN A 207 12.43 3.30 -10.33
C ASN A 207 13.82 2.74 -10.58
N LEU A 208 14.56 2.48 -9.51
CA LEU A 208 15.89 1.89 -9.60
C LEU A 208 16.13 0.88 -8.47
N ALA A 209 16.77 -0.23 -8.79
CA ALA A 209 17.00 -1.31 -7.83
C ALA A 209 18.29 -2.06 -8.16
N TRP A 210 19.13 -2.27 -7.14
CA TRP A 210 20.40 -2.98 -7.33
C TRP A 210 20.75 -3.75 -6.06
N THR A 211 21.56 -4.80 -6.19
CA THR A 211 22.02 -5.50 -4.99
C THR A 211 23.47 -5.93 -5.07
N ALA A 212 24.16 -5.86 -3.94
CA ALA A 212 25.45 -6.53 -3.81
C ALA A 212 25.17 -8.03 -3.85
N GLY A 213 26.16 -8.80 -4.24
CA GLY A 213 25.96 -10.23 -4.44
C GLY A 213 25.53 -10.45 -5.87
N SER A 214 25.63 -9.39 -6.67
CA SER A 214 25.30 -9.42 -8.08
C SER A 214 25.69 -8.10 -8.74
N ASN A 215 25.62 -8.07 -10.07
CA ASN A 215 25.67 -6.83 -10.81
C ASN A 215 24.28 -6.63 -11.40
N SER A 216 23.28 -7.01 -10.62
CA SER A 216 21.90 -7.00 -11.09
C SER A 216 21.23 -5.65 -10.86
N THR A 217 20.76 -5.06 -11.95
CA THR A 217 20.10 -3.77 -11.90
C THR A 217 18.76 -3.84 -12.60
N ARG A 218 17.71 -3.40 -11.93
CA ARG A 218 16.39 -3.30 -12.53
C ARG A 218 15.91 -1.88 -12.39
N PHE A 219 15.23 -1.38 -13.41
CA PHE A 219 14.75 0.00 -13.36
C PHE A 219 13.50 0.17 -14.21
N GLY A 220 12.74 1.22 -13.92
CA GLY A 220 11.49 1.43 -14.63
C GLY A 220 11.11 2.88 -14.86
N ILE A 221 10.37 3.11 -15.94
CA ILE A 221 9.83 4.42 -16.26
C ILE A 221 8.32 4.35 -16.18
N ALA A 222 7.70 5.33 -15.53
CA ALA A 222 6.25 5.34 -15.40
C ALA A 222 5.70 6.73 -15.62
N ALA A 223 4.44 6.80 -16.02
CA ALA A 223 3.78 8.07 -16.27
C ALA A 223 2.26 7.98 -16.21
N LYS A 224 1.64 9.08 -15.81
CA LYS A 224 0.19 9.16 -15.72
C LYS A 224 -0.28 10.48 -16.32
N TYR A 225 -1.16 10.40 -17.31
CA TYR A 225 -1.64 11.56 -18.03
C TYR A 225 -3.13 11.76 -17.79
N GLN A 226 -3.47 12.94 -17.31
CA GLN A 226 -4.85 13.27 -16.98
C GLN A 226 -5.53 13.91 -18.18
N LEU A 227 -6.14 13.08 -19.03
CA LEU A 227 -6.82 13.54 -20.25
C LEU A 227 -7.80 14.67 -19.97
N ASP A 228 -8.96 14.32 -19.45
CA ASP A 228 -9.85 15.30 -18.86
C ASP A 228 -9.94 15.01 -17.37
N LYS A 229 -10.93 15.58 -16.71
CA LYS A 229 -11.04 15.44 -15.26
C LYS A 229 -11.67 14.12 -14.85
N ASP A 230 -12.25 13.40 -15.81
CA ASP A 230 -12.94 12.15 -15.53
C ASP A 230 -12.26 10.93 -16.16
N ALA A 231 -11.20 11.16 -16.91
CA ALA A 231 -10.47 10.07 -17.55
C ALA A 231 -8.98 10.22 -17.30
N SER A 232 -8.27 9.10 -17.28
CA SER A 232 -6.85 9.09 -16.99
C SER A 232 -6.17 7.92 -17.69
N ILE A 233 -4.91 8.10 -18.07
CA ILE A 233 -4.18 7.06 -18.80
C ILE A 233 -2.79 6.89 -18.20
N SER A 234 -2.44 5.66 -17.85
CA SER A 234 -1.15 5.33 -17.27
C SER A 234 -0.36 4.49 -18.25
N ALA A 235 0.97 4.62 -18.21
CA ALA A 235 1.84 3.78 -19.02
C ALA A 235 3.18 3.63 -18.34
N LYS A 236 3.84 2.50 -18.56
CA LYS A 236 5.13 2.25 -17.95
C LYS A 236 5.93 1.20 -18.71
N VAL A 237 7.24 1.21 -18.54
CA VAL A 237 8.09 0.22 -19.19
C VAL A 237 9.34 0.01 -18.33
N ASN A 238 9.76 -1.24 -18.19
CA ASN A 238 10.99 -1.55 -17.48
C ASN A 238 12.07 -2.08 -18.42
N ASN A 239 13.18 -2.53 -17.85
CA ASN A 239 14.31 -2.98 -18.65
C ASN A 239 14.21 -4.44 -19.07
N THR A 240 13.07 -5.06 -18.80
CA THR A 240 12.81 -6.42 -19.28
C THR A 240 11.84 -6.27 -20.46
N SER A 241 11.65 -5.02 -20.88
CA SER A 241 10.75 -4.69 -21.98
C SER A 241 9.31 -5.10 -21.73
N LEU A 242 8.89 -5.10 -20.47
CA LEU A 242 7.49 -5.25 -20.12
C LEU A 242 6.81 -3.89 -20.16
N VAL A 243 5.83 -3.74 -21.03
CA VAL A 243 5.10 -2.49 -21.19
C VAL A 243 3.72 -2.58 -20.56
N GLY A 244 3.46 -1.72 -19.57
CA GLY A 244 2.15 -1.68 -18.94
C GLY A 244 1.37 -0.49 -19.45
N VAL A 245 0.06 -0.69 -19.63
CA VAL A 245 -0.84 0.40 -19.99
C VAL A 245 -2.11 0.26 -19.17
N GLY A 246 -2.69 1.40 -18.78
CA GLY A 246 -3.92 1.39 -18.02
C GLY A 246 -4.75 2.60 -18.35
N TYR A 247 -6.07 2.46 -18.29
CA TYR A 247 -6.96 3.57 -18.57
C TYR A 247 -8.10 3.51 -17.56
N THR A 248 -8.26 4.59 -16.82
CA THR A 248 -9.32 4.65 -15.82
C THR A 248 -10.30 5.77 -16.11
N GLN A 249 -11.59 5.45 -16.01
CA GLN A 249 -12.64 6.38 -16.33
C GLN A 249 -13.61 6.46 -15.17
N SER A 250 -13.80 7.66 -14.63
CA SER A 250 -14.88 7.87 -13.69
C SER A 250 -16.16 8.15 -14.47
N LEU A 251 -17.03 7.16 -14.52
CA LEU A 251 -18.27 7.24 -15.30
C LEU A 251 -19.19 8.28 -14.67
N ARG A 252 -19.14 8.34 -13.35
CA ARG A 252 -19.86 9.34 -12.57
C ARG A 252 -19.00 9.50 -11.32
N PRO A 253 -19.04 10.67 -10.67
CA PRO A 253 -18.36 10.80 -9.39
C PRO A 253 -18.72 9.68 -8.41
N GLY A 254 -17.75 8.82 -8.13
CA GLY A 254 -17.95 7.69 -7.23
C GLY A 254 -17.76 6.35 -7.90
N ILE A 255 -17.86 6.34 -9.23
CA ILE A 255 -17.78 5.11 -10.01
C ILE A 255 -16.58 5.12 -10.96
N LYS A 256 -15.58 4.31 -10.67
CA LYS A 256 -14.39 4.25 -11.53
C LYS A 256 -14.22 2.87 -12.16
N LEU A 257 -14.14 2.84 -13.49
CA LEU A 257 -13.80 1.62 -14.20
C LEU A 257 -12.35 1.73 -14.64
N THR A 258 -11.63 0.62 -14.64
CA THR A 258 -10.22 0.61 -14.97
C THR A 258 -9.87 -0.59 -15.85
N LEU A 259 -9.20 -0.32 -16.97
CA LEU A 259 -8.77 -1.35 -17.89
C LEU A 259 -7.26 -1.34 -17.95
N SER A 260 -6.64 -2.50 -17.87
CA SER A 260 -5.19 -2.53 -17.97
C SER A 260 -4.66 -3.71 -18.75
N ALA A 261 -3.50 -3.52 -19.35
CA ALA A 261 -2.87 -4.57 -20.14
C ALA A 261 -1.35 -4.57 -19.95
N LEU A 262 -0.80 -5.77 -19.89
CA LEU A 262 0.64 -5.96 -19.79
C LEU A 262 1.14 -6.69 -21.03
N VAL A 263 2.08 -6.06 -21.72
CA VAL A 263 2.58 -6.56 -22.99
C VAL A 263 4.07 -6.86 -22.90
N ASP A 264 4.47 -8.06 -23.27
CA ASP A 264 5.88 -8.44 -23.19
C ASP A 264 6.64 -8.11 -24.47
N GLY A 265 7.88 -7.63 -24.30
CA GLY A 265 8.76 -7.37 -25.42
C GLY A 265 10.00 -8.25 -25.35
N LYS A 266 10.28 -8.96 -26.44
CA LYS A 266 9.45 -8.92 -27.63
C LYS A 266 8.64 -10.20 -27.75
N SER A 267 7.40 -10.08 -28.21
CA SER A 267 6.56 -11.25 -28.41
C SER A 267 5.33 -11.04 -29.28
N ILE A 268 4.83 -12.16 -29.78
CA ILE A 268 3.56 -12.23 -30.48
C ILE A 268 3.02 -13.63 -30.22
N ASN A 269 3.72 -14.61 -30.74
CA ASN A 269 3.33 -16.01 -30.57
C ASN A 269 3.71 -16.56 -29.19
N SER A 270 4.79 -16.06 -28.61
CA SER A 270 5.26 -16.55 -27.31
C SER A 270 5.58 -15.43 -26.34
N GLY A 271 4.62 -15.07 -25.50
CA GLY A 271 4.82 -14.05 -24.49
C GLY A 271 3.75 -14.06 -23.41
N GLY A 272 4.12 -13.67 -22.21
CA GLY A 272 3.21 -13.64 -21.09
C GLY A 272 2.44 -12.33 -21.00
N HIS A 273 1.36 -12.23 -21.76
CA HIS A 273 0.54 -11.02 -21.78
C HIS A 273 -0.63 -11.16 -20.80
N LYS A 274 -0.98 -10.06 -20.15
CA LYS A 274 -2.01 -10.09 -19.12
C LYS A 274 -3.02 -8.94 -19.29
N LEU A 275 -4.26 -9.21 -18.93
CA LEU A 275 -5.30 -8.17 -18.93
C LEU A 275 -5.81 -7.95 -17.52
N GLY A 276 -6.57 -6.87 -17.34
CA GLY A 276 -7.05 -6.50 -16.03
C GLY A 276 -8.27 -5.58 -16.04
N LEU A 277 -9.23 -5.92 -15.19
CA LEU A 277 -10.45 -5.16 -15.06
C LEU A 277 -10.57 -4.77 -13.60
N GLY A 278 -10.91 -3.51 -13.31
CA GLY A 278 -11.11 -3.08 -11.94
C GLY A 278 -12.27 -2.12 -11.80
N LEU A 279 -13.13 -2.32 -10.81
CA LEU A 279 -14.28 -1.46 -10.65
C LEU A 279 -14.46 -0.96 -9.21
N GLU A 280 -14.52 0.35 -9.05
CA GLU A 280 -14.68 0.97 -7.74
C GLU A 280 -16.03 1.70 -7.64
N LEU A 281 -16.84 1.29 -6.67
CA LEU A 281 -18.16 1.87 -6.44
C LEU A 281 -18.22 2.52 -5.06
N GLU A 282 -18.50 3.82 -5.03
CA GLU A 282 -18.62 4.55 -3.78
C GLU A 282 -20.00 5.18 -3.66
N ALA A 283 -20.81 4.63 -2.76
CA ALA A 283 -22.14 5.16 -2.51
C ALA A 283 -22.29 5.59 -1.06
#